data_8XB1
#
_entry.id   8XB1
#
_cell.length_a   83.127
_cell.length_b   83.127
_cell.length_c   139.208
_cell.angle_alpha   90.00
_cell.angle_beta   90.00
_cell.angle_gamma   90.00
#
_symmetry.space_group_name_H-M   'P 43 21 2'
#
loop_
_entity.id
_entity.type
_entity.pdbx_description
1 polymer 'Receptor-type tyrosine-protein kinase FLT3'
2 non-polymer 3^3-ethyl-5^4-morpholino-6,9-dioxa-2,4-diaza-3(2,6)-pyrazina-1(4,1)-piperidina-5(1,3)-benzenacycloundecaphane-3^5-carboxamide
#
_entity_poly.entity_id   1
_entity_poly.type   'polypeptide(L)'
_entity_poly.pdbx_seq_one_letter_code
;GAHKYKKQFRYESQLQMVQVTGSSDNEYFYVDFREYEYDLKWEFPRENLEFGKVLGSGAFGKVMNATAYGISKTGVSIQV
AVKMLKEKADSSEREALMSELKMMTQLGSHENIVNLLGACTLSGPIYLIFEYCCYGDLLNYLRSKREKFSEDEIEYENQK
RLEEEEDLNVLTFEDLLCFAYQVAKGMEFLEFKSCVHRDLAARNVLVTHGKVVKICDFGLARDIMSDSNYVVRGNARLPV
KWMAPESLFEGIYTIKSDVWSYGILLWEIFSLGVNPYPGIPVDANFYKLIQNGFKMDQPFYATEEIYIIMQSCWAFDSRK
RPSFPNLTSFLGCQLADAEEAMYQNV
;
_entity_poly.pdbx_strand_id   A
#
loop_
_chem_comp.id
_chem_comp.type
_chem_comp.name
_chem_comp.formula
ZX3 non-polymer 3^3-ethyl-5^4-morpholino-6,9-dioxa-2,4-diaza-3(2,6)-pyrazina-1(4,1)-piperidina-5(1,3)-benzenacycloundecaphane-3^5-carboxamide 'C26 H37 N7 O4'
#
# COMPACT_ATOMS: atom_id res chain seq x y z
N GLU A 12 -0.10 -3.76 14.69
CA GLU A 12 1.09 -3.43 13.91
C GLU A 12 0.70 -2.79 12.59
N SER A 13 1.57 -1.89 12.09
CA SER A 13 1.34 -1.18 10.84
C SER A 13 2.29 -1.73 9.78
N GLN A 14 1.73 -2.16 8.65
CA GLN A 14 2.55 -2.74 7.59
C GLN A 14 3.46 -1.73 6.91
N LEU A 15 3.35 -0.45 7.25
CA LEU A 15 4.23 0.59 6.75
C LEU A 15 5.09 1.09 7.90
N GLN A 16 6.41 0.94 7.77
CA GLN A 16 7.33 1.24 8.85
C GLN A 16 8.52 2.06 8.33
N MET A 17 9.11 2.84 9.23
CA MET A 17 10.27 3.66 8.92
C MET A 17 11.54 2.97 9.41
N VAL A 18 12.58 2.99 8.58
CA VAL A 18 13.81 2.25 8.87
C VAL A 18 14.98 3.21 8.98
N GLN A 19 15.99 2.77 9.72
CA GLN A 19 17.29 3.44 9.81
C GLN A 19 18.35 2.41 9.51
N VAL A 20 19.04 2.56 8.38
CA VAL A 20 19.99 1.55 7.92
C VAL A 20 21.29 1.70 8.71
N THR A 21 21.85 0.58 9.14
CA THR A 21 23.03 0.55 9.99
C THR A 21 24.19 -0.19 9.33
N GLY A 22 24.32 -0.08 8.01
CA GLY A 22 25.37 -0.81 7.31
C GLY A 22 25.11 -0.80 5.82
N SER A 23 25.85 -1.67 5.12
CA SER A 23 25.80 -1.73 3.66
C SER A 23 24.88 -2.84 3.16
N SER A 24 25.07 -4.08 3.62
CA SER A 24 24.29 -5.21 3.14
C SER A 24 22.83 -5.07 3.56
N ASP A 25 21.98 -5.90 2.95
CA ASP A 25 20.54 -5.65 2.98
C ASP A 25 19.96 -5.78 4.39
N ASN A 26 20.45 -6.74 5.18
CA ASN A 26 19.87 -7.01 6.49
C ASN A 26 20.37 -6.07 7.58
N GLU A 27 21.24 -5.12 7.26
CA GLU A 27 21.79 -4.21 8.25
C GLU A 27 20.87 -3.01 8.40
N TYR A 28 19.85 -3.15 9.24
CA TYR A 28 18.87 -2.09 9.48
C TYR A 28 18.06 -2.45 10.72
N PHE A 29 17.18 -1.53 11.12
CA PHE A 29 16.25 -1.78 12.21
C PHE A 29 15.08 -0.79 12.10
N TYR A 30 13.92 -1.20 12.62
CA TYR A 30 12.73 -0.37 12.54
C TYR A 30 12.71 0.66 13.66
N VAL A 31 11.80 1.62 13.55
CA VAL A 31 11.70 2.73 14.49
C VAL A 31 10.41 2.60 15.28
N ASP A 32 10.52 2.66 16.61
CA ASP A 32 9.38 2.62 17.51
C ASP A 32 9.12 4.03 18.03
N PHE A 33 7.90 4.52 17.80
CA PHE A 33 7.49 5.84 18.25
C PHE A 33 6.87 5.86 19.63
N ARG A 34 6.81 4.70 20.30
CA ARG A 34 6.17 4.62 21.61
C ARG A 34 6.74 5.64 22.59
N GLU A 35 8.03 5.97 22.46
CA GLU A 35 8.68 6.93 23.35
C GLU A 35 8.64 8.36 22.82
N TYR A 36 8.33 8.55 21.54
CA TYR A 36 8.21 9.90 20.99
C TYR A 36 6.90 10.53 21.41
N GLU A 37 6.84 11.85 21.32
CA GLU A 37 5.66 12.61 21.72
C GLU A 37 4.79 12.93 20.51
N TYR A 38 3.48 12.95 20.74
CA TYR A 38 2.50 13.15 19.68
C TYR A 38 2.20 14.63 19.50
N ASP A 39 2.26 15.11 18.26
CA ASP A 39 2.04 16.52 17.95
C ASP A 39 0.54 16.82 18.04
N LEU A 40 0.17 17.80 18.86
CA LEU A 40 -1.22 18.07 19.15
C LEU A 40 -1.94 18.85 18.06
N LYS A 41 -1.22 19.41 17.09
CA LYS A 41 -1.89 20.17 16.04
C LYS A 41 -2.72 19.31 15.09
N TRP A 42 -2.60 17.98 15.17
CA TRP A 42 -3.45 17.09 14.40
C TRP A 42 -4.76 16.77 15.12
N GLU A 43 -4.93 17.27 16.33
CA GLU A 43 -6.09 16.91 17.14
C GLU A 43 -7.36 17.48 16.55
N PHE A 44 -8.40 16.65 16.52
CA PHE A 44 -9.70 16.93 15.94
C PHE A 44 -10.78 16.68 16.97
N PRO A 45 -11.90 17.41 16.91
CA PRO A 45 -13.03 17.09 17.78
C PRO A 45 -14.01 16.14 17.13
N ARG A 46 -14.55 15.22 17.94
CA ARG A 46 -15.52 14.27 17.42
C ARG A 46 -16.85 14.91 17.06
N GLU A 47 -17.05 16.18 17.43
CA GLU A 47 -18.31 16.86 17.10
C GLU A 47 -18.54 16.92 15.60
N ASN A 48 -17.48 16.99 14.81
CA ASN A 48 -17.58 17.20 13.37
C ASN A 48 -17.44 15.92 12.56
N LEU A 49 -17.51 14.76 13.20
CA LEU A 49 -17.49 13.48 12.49
C LEU A 49 -18.92 12.95 12.43
N GLU A 50 -19.45 13.05 11.21
CA GLU A 50 -20.76 12.57 10.83
C GLU A 50 -20.44 11.33 10.04
N PHE A 51 -20.84 10.21 10.62
CA PHE A 51 -20.59 8.88 10.10
C PHE A 51 -21.09 8.43 8.72
N GLY A 52 -20.82 7.16 8.45
CA GLY A 52 -21.16 6.49 7.21
C GLY A 52 -21.22 5.00 7.46
N LYS A 53 -21.12 4.20 6.41
CA LYS A 53 -21.25 2.76 6.57
C LYS A 53 -19.95 2.00 6.72
N VAL A 54 -19.93 0.92 7.47
CA VAL A 54 -18.61 0.31 7.56
C VAL A 54 -18.04 0.09 6.16
N LEU A 55 -16.76 0.38 6.00
CA LEU A 55 -16.04 0.20 4.75
C LEU A 55 -14.97 -0.89 4.82
N GLY A 56 -14.85 -1.59 5.94
CA GLY A 56 -13.88 -2.67 6.08
C GLY A 56 -13.47 -2.90 7.50
N SER A 57 -13.55 -4.15 7.95
CA SER A 57 -13.20 -4.48 9.33
C SER A 57 -12.70 -5.91 9.40
N GLY A 58 -11.44 -6.08 9.80
CA GLY A 58 -10.91 -7.40 10.06
C GLY A 58 -11.16 -7.82 11.48
N ALA A 59 -10.13 -8.32 12.16
CA ALA A 59 -10.27 -8.72 13.56
C ALA A 59 -9.94 -7.57 14.51
N PHE A 60 -8.78 -6.93 14.31
CA PHE A 60 -8.35 -5.87 15.20
C PHE A 60 -9.30 -4.68 15.15
N GLY A 61 -9.42 -4.04 13.99
CA GLY A 61 -10.23 -2.85 13.89
C GLY A 61 -10.98 -2.67 12.59
N LYS A 62 -11.49 -1.45 12.36
CA LYS A 62 -12.28 -1.14 11.19
C LYS A 62 -11.94 0.26 10.69
N VAL A 63 -12.45 0.58 9.50
CA VAL A 63 -12.39 1.93 8.97
C VAL A 63 -13.73 2.24 8.30
N MET A 64 -14.32 3.37 8.66
CA MET A 64 -15.65 3.74 8.23
C MET A 64 -15.61 4.98 7.34
N ASN A 65 -16.72 5.20 6.64
CA ASN A 65 -16.96 6.50 6.02
C ASN A 65 -17.35 7.50 7.10
N ALA A 66 -17.07 8.78 6.82
CA ALA A 66 -17.46 9.83 7.75
C ALA A 66 -17.49 11.16 7.01
N THR A 67 -18.06 12.16 7.67
CA THR A 67 -18.28 13.48 7.09
C THR A 67 -17.75 14.51 8.08
N ALA A 68 -16.84 15.37 7.63
CA ALA A 68 -16.08 16.25 8.51
C ALA A 68 -16.29 17.71 8.12
N TYR A 69 -17.29 18.34 8.74
CA TYR A 69 -17.56 19.75 8.47
C TYR A 69 -16.46 20.61 9.09
N GLY A 70 -15.89 21.51 8.29
CA GLY A 70 -14.86 22.40 8.78
C GLY A 70 -13.52 21.74 9.03
N ILE A 71 -13.20 20.67 8.29
CA ILE A 71 -11.92 19.99 8.43
C ILE A 71 -10.98 20.31 7.28
N SER A 72 -11.47 20.85 6.17
CA SER A 72 -10.63 21.21 5.05
C SER A 72 -10.16 22.65 5.20
N LYS A 73 -9.40 23.13 4.20
CA LYS A 73 -8.94 24.52 4.21
C LYS A 73 -10.12 25.48 4.17
N THR A 74 -10.96 25.35 3.13
CA THR A 74 -12.15 26.17 3.02
C THR A 74 -13.18 25.78 4.07
N GLY A 75 -13.69 24.56 3.98
CA GLY A 75 -14.68 24.10 4.93
C GLY A 75 -15.96 23.62 4.30
N VAL A 76 -16.03 22.33 4.02
CA VAL A 76 -17.26 21.71 3.56
C VAL A 76 -17.41 20.37 4.26
N SER A 77 -18.21 19.47 3.69
CA SER A 77 -18.35 18.15 4.28
C SER A 77 -17.07 17.34 4.08
N ILE A 78 -16.67 17.12 2.82
CA ILE A 78 -15.46 16.41 2.46
C ILE A 78 -15.37 15.04 3.15
N GLN A 79 -16.10 14.06 2.65
CA GLN A 79 -16.11 12.75 3.24
C GLN A 79 -14.71 12.21 3.52
N VAL A 80 -14.60 11.33 4.52
CA VAL A 80 -13.31 10.81 4.97
C VAL A 80 -13.47 9.33 5.34
N ALA A 81 -12.32 8.69 5.58
CA ALA A 81 -12.24 7.36 6.16
C ALA A 81 -11.53 7.46 7.51
N VAL A 82 -12.05 6.73 8.49
CA VAL A 82 -11.57 6.84 9.88
C VAL A 82 -11.21 5.45 10.39
N LYS A 83 -9.93 5.23 10.68
CA LYS A 83 -9.47 3.95 11.21
C LYS A 83 -9.60 3.96 12.72
N MET A 84 -10.14 2.88 13.28
CA MET A 84 -10.31 2.83 14.72
C MET A 84 -10.40 1.39 15.19
N LEU A 85 -10.08 1.22 16.48
CA LEU A 85 -10.24 -0.02 17.22
C LEU A 85 -11.69 -0.36 17.47
N LYS A 86 -11.93 -1.63 17.80
CA LYS A 86 -13.21 -2.13 18.27
C LYS A 86 -13.00 -3.40 19.09
N GLU A 87 -11.83 -3.51 19.74
CA GLU A 87 -11.52 -4.66 20.59
C GLU A 87 -12.16 -4.55 21.97
N LYS A 88 -13.33 -3.92 22.03
CA LYS A 88 -14.02 -3.63 23.30
C LYS A 88 -13.08 -2.89 24.26
N ALA A 89 -12.48 -1.81 23.76
CA ALA A 89 -11.56 -0.97 24.51
C ALA A 89 -10.38 -1.76 25.04
N ASP A 90 -9.41 -2.06 24.17
CA ASP A 90 -8.23 -2.81 24.57
C ASP A 90 -7.17 -1.87 25.14
N SER A 91 -6.00 -2.43 25.48
CA SER A 91 -4.91 -1.65 26.05
C SER A 91 -3.65 -1.76 25.20
N SER A 92 -3.04 -2.94 25.11
CA SER A 92 -1.83 -3.11 24.32
C SER A 92 -2.04 -2.69 22.87
N GLU A 93 -3.21 -3.00 22.31
CA GLU A 93 -3.49 -2.65 20.92
C GLU A 93 -3.66 -1.16 20.71
N ARG A 94 -3.94 -0.39 21.77
CA ARG A 94 -4.24 1.02 21.60
C ARG A 94 -2.98 1.85 21.35
N GLU A 95 -1.97 1.70 22.21
CA GLU A 95 -0.75 2.48 22.04
C GLU A 95 -0.05 2.13 20.73
N ALA A 96 -0.19 0.88 20.26
CA ALA A 96 0.33 0.52 18.95
C ALA A 96 -0.28 1.38 17.85
N LEU A 97 -1.54 1.79 18.02
CA LEU A 97 -2.17 2.69 17.07
C LEU A 97 -1.66 4.11 17.23
N MET A 98 -1.40 4.54 18.47
CA MET A 98 -0.82 5.86 18.70
C MET A 98 0.48 6.03 17.94
N SER A 99 1.29 4.97 17.88
CA SER A 99 2.60 5.06 17.23
C SER A 99 2.47 5.11 15.72
N GLU A 100 1.45 4.46 15.16
CA GLU A 100 1.19 4.66 13.73
C GLU A 100 0.79 6.09 13.45
N LEU A 101 -0.04 6.66 14.32
CA LEU A 101 -0.39 8.07 14.21
C LEU A 101 0.86 8.94 14.22
N LYS A 102 1.73 8.72 15.22
CA LYS A 102 2.96 9.50 15.33
C LYS A 102 3.80 9.39 14.06
N MET A 103 3.89 8.20 13.47
CA MET A 103 4.65 8.05 12.24
C MET A 103 3.98 8.79 11.08
N MET A 104 2.68 8.55 10.88
CA MET A 104 1.99 9.17 9.75
C MET A 104 2.04 10.69 9.83
N THR A 105 2.01 11.26 11.04
CA THR A 105 2.06 12.70 11.18
C THR A 105 3.36 13.27 10.65
N GLN A 106 4.46 12.51 10.72
CA GLN A 106 5.77 12.99 10.33
C GLN A 106 6.12 12.62 8.90
N LEU A 107 5.26 11.86 8.21
CA LEU A 107 5.53 11.50 6.83
C LEU A 107 5.25 12.63 5.86
N GLY A 108 4.39 13.58 6.22
CA GLY A 108 4.05 14.65 5.30
C GLY A 108 3.19 14.18 4.14
N SER A 109 2.62 15.13 3.40
CA SER A 109 1.68 14.80 2.33
C SER A 109 2.41 14.51 1.03
N HIS A 110 1.91 13.51 0.31
CA HIS A 110 2.27 13.31 -1.08
C HIS A 110 1.01 13.02 -1.88
N GLU A 111 1.04 13.40 -3.15
CA GLU A 111 -0.15 13.27 -4.00
C GLU A 111 -0.54 11.82 -4.23
N ASN A 112 0.36 10.87 -4.00
CA ASN A 112 0.10 9.46 -4.27
C ASN A 112 0.11 8.61 -3.00
N ILE A 113 -0.08 9.24 -1.84
CA ILE A 113 -0.20 8.54 -0.56
C ILE A 113 -1.53 8.91 0.06
N VAL A 114 -2.23 7.92 0.61
CA VAL A 114 -3.44 8.19 1.38
C VAL A 114 -3.02 8.94 2.64
N ASN A 115 -3.20 10.26 2.63
CA ASN A 115 -2.60 11.11 3.65
C ASN A 115 -3.48 11.19 4.89
N LEU A 116 -2.83 11.50 6.01
CA LEU A 116 -3.52 11.67 7.28
C LEU A 116 -4.01 13.10 7.41
N LEU A 117 -5.27 13.25 7.84
CA LEU A 117 -5.90 14.56 7.97
C LEU A 117 -6.13 14.99 9.42
N GLY A 118 -6.14 14.06 10.37
CA GLY A 118 -6.38 14.42 11.74
C GLY A 118 -6.51 13.17 12.59
N ALA A 119 -6.90 13.39 13.85
CA ALA A 119 -7.03 12.31 14.81
C ALA A 119 -7.77 12.85 16.04
N CYS A 120 -8.31 11.93 16.83
CA CYS A 120 -8.94 12.25 18.10
C CYS A 120 -8.27 11.41 19.19
N THR A 121 -7.54 12.06 20.10
CA THR A 121 -6.67 11.37 21.04
C THR A 121 -7.29 11.23 22.43
N LEU A 122 -7.16 12.27 23.26
CA LEU A 122 -7.81 12.27 24.57
C LEU A 122 -9.31 12.42 24.45
N SER A 123 -9.82 12.61 23.23
CA SER A 123 -11.23 12.82 22.96
C SER A 123 -12.06 11.58 23.31
N GLY A 124 -11.40 10.50 23.74
CA GLY A 124 -12.05 9.26 24.06
C GLY A 124 -11.31 8.07 23.46
N PRO A 125 -12.03 7.15 22.85
CA PRO A 125 -11.36 6.08 22.10
C PRO A 125 -10.67 6.62 20.85
N ILE A 126 -9.51 6.03 20.53
CA ILE A 126 -8.59 6.65 19.57
C ILE A 126 -9.15 6.57 18.16
N TYR A 127 -9.22 7.73 17.48
CA TYR A 127 -9.60 7.83 16.09
C TYR A 127 -8.46 8.43 15.28
N LEU A 128 -8.32 7.97 14.03
CA LEU A 128 -7.36 8.51 13.09
C LEU A 128 -8.05 8.71 11.74
N ILE A 129 -7.97 9.92 11.21
CA ILE A 129 -8.79 10.33 10.07
C ILE A 129 -7.90 10.44 8.84
N PHE A 130 -8.25 9.69 7.80
CA PHE A 130 -7.52 9.66 6.54
C PHE A 130 -8.34 10.25 5.40
N GLU A 131 -7.65 10.54 4.30
CA GLU A 131 -8.30 10.99 3.07
C GLU A 131 -9.31 9.95 2.59
N TYR A 132 -10.21 10.40 1.73
CA TYR A 132 -11.26 9.55 1.18
C TYR A 132 -11.02 9.32 -0.31
N CYS A 133 -10.98 8.06 -0.71
CA CYS A 133 -10.85 7.67 -2.12
C CYS A 133 -12.14 6.95 -2.50
N CYS A 134 -13.04 7.67 -3.19
CA CYS A 134 -14.39 7.18 -3.39
C CYS A 134 -14.44 5.94 -4.28
N TYR A 135 -13.49 5.79 -5.20
CA TYR A 135 -13.57 4.72 -6.18
C TYR A 135 -13.03 3.38 -5.66
N GLY A 136 -12.54 3.33 -4.43
CA GLY A 136 -12.14 2.07 -3.83
C GLY A 136 -10.72 1.63 -4.15
N ASP A 137 -10.42 0.42 -3.72
CA ASP A 137 -9.12 -0.18 -4.02
C ASP A 137 -9.00 -0.53 -5.49
N LEU A 138 -7.76 -0.49 -5.99
CA LEU A 138 -7.51 -0.72 -7.42
C LEU A 138 -7.88 -2.13 -7.83
N LEU A 139 -7.65 -3.11 -6.96
CA LEU A 139 -7.98 -4.49 -7.29
C LEU A 139 -9.45 -4.63 -7.68
N ASN A 140 -10.35 -4.18 -6.80
CA ASN A 140 -11.77 -4.25 -7.11
C ASN A 140 -12.15 -3.32 -8.27
N TYR A 141 -11.42 -2.21 -8.42
CA TYR A 141 -11.67 -1.30 -9.54
C TYR A 141 -11.26 -1.91 -10.86
N LEU A 142 -10.08 -2.55 -10.90
CA LEU A 142 -9.61 -3.20 -12.12
C LEU A 142 -10.54 -4.32 -12.55
N ARG A 143 -10.78 -5.29 -11.66
CA ARG A 143 -11.61 -6.44 -11.99
C ARG A 143 -13.00 -6.02 -12.44
N SER A 144 -13.53 -4.91 -11.90
CA SER A 144 -14.88 -4.49 -12.22
C SER A 144 -15.01 -4.02 -13.66
N LYS A 145 -13.91 -3.59 -14.29
CA LYS A 145 -13.95 -3.05 -15.64
C LYS A 145 -13.38 -4.02 -16.67
N ARG A 146 -13.35 -5.31 -16.34
CA ARG A 146 -12.87 -6.30 -17.30
C ARG A 146 -13.84 -6.42 -18.48
N GLU A 147 -15.13 -6.27 -18.21
CA GLU A 147 -16.17 -6.27 -19.24
C GLU A 147 -15.92 -5.27 -20.35
N LYS A 148 -16.00 -4.02 -19.94
CA LYS A 148 -15.81 -2.93 -20.84
C LYS A 148 -14.40 -2.42 -20.99
N PHE A 149 -13.43 -3.29 -21.11
CA PHE A 149 -12.11 -2.76 -21.36
C PHE A 149 -12.11 -2.38 -22.82
N SER A 150 -11.49 -1.29 -23.19
CA SER A 150 -11.50 -0.93 -24.59
C SER A 150 -10.15 -0.66 -25.21
N GLU A 151 -9.97 -1.18 -26.42
CA GLU A 151 -8.76 -1.01 -27.19
C GLU A 151 -9.17 -0.57 -28.57
N ASN A 169 -15.98 6.82 -18.48
CA ASN A 169 -16.42 5.90 -17.43
C ASN A 169 -15.66 4.58 -17.49
N VAL A 170 -15.05 4.29 -18.63
CA VAL A 170 -14.37 3.03 -18.88
C VAL A 170 -12.96 3.35 -19.39
N LEU A 171 -12.01 2.48 -19.06
CA LEU A 171 -10.60 2.86 -19.02
C LEU A 171 -9.83 2.51 -20.30
N THR A 172 -8.79 3.30 -20.59
CA THR A 172 -7.92 3.11 -21.75
C THR A 172 -6.80 2.15 -21.41
N PHE A 173 -5.68 2.25 -22.14
CA PHE A 173 -4.42 1.63 -21.73
C PHE A 173 -3.49 2.59 -21.02
N GLU A 174 -3.62 3.88 -21.30
CA GLU A 174 -2.94 4.93 -20.54
C GLU A 174 -3.37 4.95 -19.08
N ASP A 175 -4.58 4.47 -18.78
CA ASP A 175 -4.96 4.27 -17.39
C ASP A 175 -4.04 3.25 -16.71
N LEU A 176 -3.91 2.08 -17.31
CA LEU A 176 -2.97 1.06 -16.81
C LEU A 176 -1.57 1.64 -16.64
N LEU A 177 -1.17 2.53 -17.55
CA LEU A 177 0.16 3.12 -17.46
C LEU A 177 0.22 4.24 -16.44
N CYS A 178 -0.80 5.10 -16.38
CA CYS A 178 -0.80 6.17 -15.39
C CYS A 178 -0.89 5.62 -13.98
N PHE A 179 -1.68 4.58 -13.78
CA PHE A 179 -1.73 3.92 -12.48
C PHE A 179 -0.34 3.46 -12.05
N ALA A 180 0.39 2.83 -12.97
CA ALA A 180 1.73 2.34 -12.64
C ALA A 180 2.68 3.49 -12.29
N TYR A 181 2.59 4.60 -13.03
CA TYR A 181 3.48 5.74 -12.75
C TYR A 181 3.18 6.35 -11.38
N GLN A 182 1.90 6.47 -11.03
CA GLN A 182 1.53 7.13 -9.77
C GLN A 182 1.99 6.31 -8.58
N VAL A 183 1.77 4.99 -8.60
CA VAL A 183 2.25 4.15 -7.51
C VAL A 183 3.77 4.21 -7.42
N ALA A 184 4.44 4.38 -8.57
CA ALA A 184 5.90 4.43 -8.57
C ALA A 184 6.40 5.68 -7.86
N LYS A 185 5.96 6.86 -8.31
CA LYS A 185 6.36 8.09 -7.64
C LYS A 185 5.86 8.14 -6.20
N GLY A 186 4.79 7.40 -5.88
CA GLY A 186 4.41 7.24 -4.49
C GLY A 186 5.44 6.46 -3.69
N MET A 187 5.80 5.26 -4.19
CA MET A 187 6.87 4.50 -3.55
C MET A 187 8.19 5.25 -3.61
N GLU A 188 8.39 6.05 -4.66
CA GLU A 188 9.56 6.92 -4.71
C GLU A 188 9.56 7.92 -3.57
N PHE A 189 8.38 8.36 -3.15
CA PHE A 189 8.28 9.29 -2.02
C PHE A 189 8.48 8.56 -0.70
N LEU A 190 8.00 7.32 -0.60
CA LEU A 190 8.22 6.53 0.61
C LEU A 190 9.70 6.21 0.78
N GLU A 191 10.45 6.07 -0.32
CA GLU A 191 11.88 5.87 -0.22
C GLU A 191 12.59 7.16 0.21
N PHE A 192 12.17 8.29 -0.26
CA PHE A 192 12.83 9.48 0.18
C PHE A 192 12.68 9.66 1.65
N LYS A 193 11.55 9.26 2.19
CA LYS A 193 11.35 9.46 3.59
C LYS A 193 11.85 8.32 4.37
N SER A 194 12.59 7.48 3.72
CA SER A 194 13.25 6.38 4.42
C SER A 194 12.25 5.39 5.03
N CYS A 195 11.21 5.07 4.28
CA CYS A 195 10.22 4.11 4.72
C CYS A 195 10.22 2.89 3.80
N VAL A 196 9.62 1.80 4.28
CA VAL A 196 9.32 0.64 3.44
C VAL A 196 7.89 0.24 3.69
N HIS A 197 7.19 -0.12 2.62
CA HIS A 197 5.81 -0.59 2.68
C HIS A 197 5.82 -2.10 2.50
N ARG A 198 5.57 -2.82 3.59
CA ARG A 198 5.73 -4.27 3.57
C ARG A 198 4.51 -5.02 3.02
N ASP A 199 3.57 -4.33 2.37
CA ASP A 199 2.40 -4.99 1.81
C ASP A 199 1.89 -4.20 0.60
N LEU A 200 2.76 -4.00 -0.39
CA LEU A 200 2.36 -3.37 -1.64
C LEU A 200 1.60 -4.38 -2.49
N ALA A 201 0.35 -4.06 -2.82
CA ALA A 201 -0.49 -4.91 -3.66
C ALA A 201 -1.67 -4.08 -4.13
N ALA A 202 -2.44 -4.64 -5.07
CA ALA A 202 -3.54 -3.88 -5.66
C ALA A 202 -4.63 -3.57 -4.65
N ARG A 203 -4.87 -4.48 -3.71
CA ARG A 203 -5.86 -4.25 -2.67
C ARG A 203 -5.50 -3.05 -1.80
N ASN A 204 -4.23 -2.64 -1.78
CA ASN A 204 -3.78 -1.53 -0.97
C ASN A 204 -3.46 -0.28 -1.80
N VAL A 205 -3.99 -0.19 -3.00
CA VAL A 205 -3.92 1.02 -3.81
C VAL A 205 -5.35 1.45 -4.11
N LEU A 206 -5.66 2.71 -3.80
CA LEU A 206 -7.03 3.20 -3.77
C LEU A 206 -7.22 4.32 -4.79
N VAL A 207 -8.33 4.26 -5.53
CA VAL A 207 -8.60 5.16 -6.64
C VAL A 207 -9.47 6.31 -6.16
N THR A 208 -9.07 7.55 -6.46
CA THR A 208 -9.88 8.71 -6.13
C THR A 208 -10.12 9.56 -7.39
N HIS A 209 -10.57 10.80 -7.24
CA HIS A 209 -11.28 11.49 -8.32
C HIS A 209 -10.40 11.78 -9.53
N GLY A 210 -10.80 11.27 -10.69
CA GLY A 210 -10.08 11.58 -11.91
C GLY A 210 -8.95 10.62 -12.21
N LYS A 211 -9.12 9.34 -11.86
CA LYS A 211 -8.12 8.31 -12.11
C LYS A 211 -6.77 8.68 -11.50
N VAL A 212 -6.81 9.20 -10.27
CA VAL A 212 -5.63 9.34 -9.43
C VAL A 212 -5.71 8.29 -8.35
N VAL A 213 -4.56 7.73 -7.97
CA VAL A 213 -4.51 6.62 -7.03
C VAL A 213 -3.43 6.89 -5.98
N LYS A 214 -3.63 6.30 -4.79
CA LYS A 214 -2.82 6.60 -3.62
C LYS A 214 -2.55 5.32 -2.84
N ILE A 215 -1.28 5.11 -2.48
CA ILE A 215 -0.90 3.96 -1.66
C ILE A 215 -1.42 4.15 -0.23
N CYS A 216 -1.89 3.07 0.38
CA CYS A 216 -2.38 3.11 1.75
C CYS A 216 -1.88 1.87 2.50
N ASP A 217 -2.16 1.83 3.79
CA ASP A 217 -1.80 0.70 4.65
C ASP A 217 -3.07 0.10 5.25
N PHE A 218 -3.21 -1.22 5.12
CA PHE A 218 -4.46 -1.92 5.43
C PHE A 218 -5.62 -1.23 4.71
N MET A 225 -8.94 -12.05 7.84
CA MET A 225 -8.44 -13.42 7.89
C MET A 225 -9.38 -14.37 7.16
N SER A 226 -10.24 -13.81 6.31
CA SER A 226 -11.06 -14.57 5.39
C SER A 226 -10.62 -14.34 3.95
N ASP A 227 -9.34 -13.98 3.76
CA ASP A 227 -8.77 -13.64 2.47
C ASP A 227 -7.69 -14.65 2.13
N SER A 228 -7.71 -15.14 0.88
CA SER A 228 -6.78 -16.17 0.44
C SER A 228 -5.35 -15.65 0.26
N ASN A 229 -5.12 -14.35 0.38
CA ASN A 229 -3.84 -13.77 0.00
C ASN A 229 -2.80 -13.79 1.11
N TYR A 230 -3.22 -13.79 2.37
CA TYR A 230 -2.28 -13.72 3.49
C TYR A 230 -2.16 -15.08 4.16
N VAL A 231 -0.93 -15.54 4.31
CA VAL A 231 -0.62 -16.70 5.13
C VAL A 231 -0.31 -16.22 6.53
N VAL A 232 -0.85 -16.91 7.54
CA VAL A 232 -0.53 -16.60 8.92
C VAL A 232 0.54 -17.58 9.39
N ARG A 233 1.62 -17.04 9.95
CA ARG A 233 2.80 -17.82 10.35
C ARG A 233 3.35 -17.17 11.62
N GLY A 234 2.87 -17.64 12.77
CA GLY A 234 3.19 -16.99 14.03
C GLY A 234 2.27 -15.82 14.30
N ASN A 235 2.82 -14.70 14.76
CA ASN A 235 2.06 -13.48 14.93
C ASN A 235 2.05 -12.62 13.68
N ALA A 236 2.64 -13.10 12.58
CA ALA A 236 2.73 -12.34 11.35
C ALA A 236 1.74 -12.88 10.31
N ARG A 237 1.23 -11.97 9.49
CA ARG A 237 0.30 -12.30 8.41
C ARG A 237 0.95 -11.85 7.10
N LEU A 238 1.34 -12.82 6.28
CA LEU A 238 2.26 -12.53 5.19
C LEU A 238 1.59 -12.69 3.83
N PRO A 239 1.72 -11.69 2.94
CA PRO A 239 1.21 -11.79 1.56
C PRO A 239 2.22 -12.50 0.65
N VAL A 240 2.21 -13.83 0.74
CA VAL A 240 3.31 -14.64 0.24
C VAL A 240 3.59 -14.37 -1.24
N LYS A 241 2.54 -14.34 -2.06
CA LYS A 241 2.77 -14.21 -3.50
C LYS A 241 3.32 -12.85 -3.91
N TRP A 242 3.33 -11.86 -3.03
CA TRP A 242 3.91 -10.55 -3.32
C TRP A 242 5.31 -10.37 -2.73
N MET A 243 5.79 -11.34 -1.95
CA MET A 243 6.97 -11.16 -1.12
C MET A 243 8.25 -11.52 -1.86
N ALA A 244 9.27 -10.67 -1.72
CA ALA A 244 10.57 -10.94 -2.30
C ALA A 244 11.24 -12.13 -1.59
N PRO A 245 12.12 -12.86 -2.29
CA PRO A 245 12.71 -14.06 -1.67
C PRO A 245 13.43 -13.77 -0.37
N GLU A 246 14.14 -12.64 -0.27
CA GLU A 246 14.78 -12.30 0.99
C GLU A 246 13.77 -12.03 2.10
N SER A 247 12.51 -11.77 1.76
CA SER A 247 11.47 -11.66 2.78
C SER A 247 10.86 -13.02 3.12
N LEU A 248 10.59 -13.84 2.09
CA LEU A 248 10.02 -15.17 2.32
C LEU A 248 10.93 -16.04 3.18
N PHE A 249 12.25 -15.87 3.07
CA PHE A 249 13.17 -16.84 3.64
C PHE A 249 14.04 -16.32 4.77
N GLU A 250 14.23 -15.01 4.90
CA GLU A 250 15.01 -14.49 6.01
C GLU A 250 14.41 -13.26 6.68
N GLY A 251 13.20 -12.84 6.30
CA GLY A 251 12.53 -11.75 6.98
C GLY A 251 13.08 -10.36 6.67
N ILE A 252 13.93 -10.21 5.67
CA ILE A 252 14.48 -8.91 5.33
C ILE A 252 13.45 -8.12 4.54
N TYR A 253 13.25 -6.85 4.91
CA TYR A 253 12.37 -5.94 4.18
C TYR A 253 13.14 -4.66 3.92
N THR A 254 13.43 -4.40 2.65
CA THR A 254 14.12 -3.18 2.24
C THR A 254 13.32 -2.45 1.18
N ILE A 255 13.83 -1.28 0.80
CA ILE A 255 13.21 -0.51 -0.27
C ILE A 255 13.20 -1.32 -1.57
N LYS A 256 14.23 -2.15 -1.78
CA LYS A 256 14.27 -3.01 -2.96
C LYS A 256 13.33 -4.20 -2.87
N SER A 257 12.99 -4.64 -1.65
CA SER A 257 11.94 -5.65 -1.53
C SER A 257 10.60 -5.10 -2.03
N ASP A 258 10.36 -3.81 -1.86
CA ASP A 258 9.14 -3.21 -2.39
C ASP A 258 9.15 -3.17 -3.91
N VAL A 259 10.34 -3.07 -4.52
CA VAL A 259 10.43 -3.12 -5.97
C VAL A 259 9.93 -4.46 -6.49
N TRP A 260 10.31 -5.55 -5.79
CA TRP A 260 9.79 -6.87 -6.16
C TRP A 260 8.27 -6.89 -6.12
N SER A 261 7.68 -6.46 -5.00
CA SER A 261 6.23 -6.40 -4.91
C SER A 261 5.65 -5.49 -5.99
N TYR A 262 6.34 -4.39 -6.29
CA TYR A 262 5.85 -3.47 -7.32
C TYR A 262 5.75 -4.17 -8.66
N GLY A 263 6.73 -5.03 -8.99
CA GLY A 263 6.62 -5.82 -10.20
C GLY A 263 5.42 -6.75 -10.19
N ILE A 264 5.13 -7.34 -9.03
CA ILE A 264 3.93 -8.18 -8.91
C ILE A 264 2.68 -7.34 -9.15
N LEU A 265 2.64 -6.13 -8.58
CA LEU A 265 1.53 -5.24 -8.83
C LEU A 265 1.44 -4.84 -10.30
N LEU A 266 2.60 -4.59 -10.92
CA LEU A 266 2.65 -4.37 -12.36
C LEU A 266 1.95 -5.52 -13.09
N TRP A 267 2.19 -6.76 -12.65
CA TRP A 267 1.45 -7.88 -13.22
C TRP A 267 -0.03 -7.77 -12.92
N GLU A 268 -0.38 -7.33 -11.71
CA GLU A 268 -1.79 -7.19 -11.34
C GLU A 268 -2.50 -6.19 -12.23
N ILE A 269 -1.81 -5.10 -12.61
CA ILE A 269 -2.45 -4.06 -13.42
C ILE A 269 -2.68 -4.56 -14.84
N PHE A 270 -1.63 -5.06 -15.47
CA PHE A 270 -1.70 -5.47 -16.86
C PHE A 270 -2.26 -6.87 -17.04
N SER A 271 -2.72 -7.48 -15.96
CA SER A 271 -3.60 -8.64 -16.04
C SER A 271 -5.07 -8.26 -15.93
N LEU A 272 -5.36 -6.99 -15.67
CA LEU A 272 -6.68 -6.54 -15.20
C LEU A 272 -7.06 -7.23 -13.90
N GLY A 273 -6.07 -7.59 -13.09
CA GLY A 273 -6.28 -7.96 -11.71
C GLY A 273 -6.62 -9.40 -11.38
N VAL A 274 -5.81 -10.36 -11.85
CA VAL A 274 -6.01 -11.76 -11.46
C VAL A 274 -4.85 -12.14 -10.55
N ASN A 275 -5.15 -13.07 -9.62
CA ASN A 275 -4.25 -13.61 -8.61
C ASN A 275 -2.88 -13.91 -9.20
N PRO A 276 -1.82 -13.25 -8.72
CA PRO A 276 -0.48 -13.53 -9.23
C PRO A 276 -0.14 -15.01 -9.06
N TYR A 277 0.68 -15.52 -9.97
CA TYR A 277 0.94 -16.95 -10.09
C TYR A 277 -0.38 -17.72 -10.15
N PRO A 278 -1.24 -17.43 -11.14
CA PRO A 278 -2.60 -17.97 -11.11
C PRO A 278 -2.59 -19.49 -11.18
N GLY A 279 -3.51 -20.10 -10.43
CA GLY A 279 -3.66 -21.54 -10.41
C GLY A 279 -2.74 -22.28 -9.45
N ILE A 280 -1.68 -21.64 -8.98
CA ILE A 280 -0.70 -22.29 -8.11
C ILE A 280 -1.03 -21.94 -6.67
N PRO A 281 -1.26 -22.92 -5.80
CA PRO A 281 -1.60 -22.61 -4.40
C PRO A 281 -0.36 -22.26 -3.59
N VAL A 282 -0.60 -21.54 -2.50
CA VAL A 282 0.47 -21.17 -1.56
C VAL A 282 0.71 -22.39 -0.67
N ASP A 283 1.80 -23.10 -0.93
CA ASP A 283 2.18 -24.27 -0.15
C ASP A 283 3.70 -24.38 -0.16
N ALA A 284 4.21 -25.46 0.42
CA ALA A 284 5.66 -25.69 0.41
C ALA A 284 6.20 -25.68 -1.02
N ASN A 285 5.44 -26.22 -1.97
CA ASN A 285 5.90 -26.22 -3.36
C ASN A 285 6.07 -24.81 -3.90
N PHE A 286 5.27 -23.86 -3.43
CA PHE A 286 5.43 -22.49 -3.89
C PHE A 286 6.72 -21.86 -3.38
N TYR A 287 7.17 -22.27 -2.19
CA TYR A 287 8.45 -21.77 -1.70
C TYR A 287 9.60 -22.28 -2.57
N LYS A 288 9.56 -23.56 -2.94
CA LYS A 288 10.57 -24.10 -3.85
C LYS A 288 10.50 -23.41 -5.20
N LEU A 289 9.31 -22.93 -5.58
CA LEU A 289 9.14 -22.16 -6.81
C LEU A 289 10.01 -20.91 -6.82
N ILE A 290 9.78 -20.04 -5.84
CA ILE A 290 10.44 -18.75 -5.81
C ILE A 290 11.94 -18.91 -5.63
N GLN A 291 12.37 -19.83 -4.76
CA GLN A 291 13.80 -19.98 -4.51
C GLN A 291 14.53 -20.55 -5.72
N ASN A 292 13.83 -21.23 -6.63
CA ASN A 292 14.45 -21.78 -7.82
C ASN A 292 14.38 -20.86 -9.03
N GLY A 293 13.73 -19.72 -8.91
CA GLY A 293 13.74 -18.72 -9.96
C GLY A 293 12.50 -18.62 -10.82
N PHE A 294 11.33 -19.01 -10.31
CA PHE A 294 10.10 -18.87 -11.06
C PHE A 294 9.77 -17.40 -11.28
N LYS A 295 9.37 -17.07 -12.51
CA LYS A 295 8.84 -15.75 -12.83
C LYS A 295 7.59 -15.90 -13.68
N MET A 296 6.62 -15.03 -13.45
CA MET A 296 5.35 -15.09 -14.17
C MET A 296 5.54 -14.71 -15.63
N ASP A 297 4.60 -15.17 -16.47
CA ASP A 297 4.64 -14.82 -17.88
C ASP A 297 4.15 -13.40 -18.10
N GLN A 298 4.32 -12.92 -19.32
CA GLN A 298 3.83 -11.59 -19.67
C GLN A 298 2.30 -11.58 -19.67
N PRO A 299 1.67 -10.68 -18.94
CA PRO A 299 0.20 -10.63 -18.94
C PRO A 299 -0.35 -10.06 -20.23
N PHE A 300 -1.63 -10.35 -20.47
CA PHE A 300 -2.26 -10.08 -21.76
C PHE A 300 -2.12 -8.63 -22.18
N TYR A 301 -2.46 -7.70 -21.28
CA TYR A 301 -2.54 -6.28 -21.62
C TYR A 301 -1.22 -5.54 -21.49
N ALA A 302 -0.09 -6.26 -21.45
CA ALA A 302 1.21 -5.65 -21.26
C ALA A 302 2.00 -5.62 -22.56
N THR A 303 2.68 -4.51 -22.81
CA THR A 303 3.59 -4.44 -23.94
C THR A 303 4.82 -5.31 -23.66
N GLU A 304 5.53 -5.65 -24.74
CA GLU A 304 6.80 -6.35 -24.58
C GLU A 304 7.78 -5.53 -23.75
N GLU A 305 7.66 -4.20 -23.83
CA GLU A 305 8.59 -3.33 -23.11
C GLU A 305 8.44 -3.46 -21.60
N ILE A 306 7.24 -3.20 -21.08
CA ILE A 306 7.07 -3.19 -19.62
C ILE A 306 7.02 -4.59 -19.02
N TYR A 307 7.06 -5.64 -19.84
CA TYR A 307 7.31 -6.96 -19.26
C TYR A 307 8.77 -7.09 -18.86
N ILE A 308 9.68 -6.49 -19.64
CA ILE A 308 11.09 -6.47 -19.27
C ILE A 308 11.25 -5.83 -17.90
N ILE A 309 10.61 -4.68 -17.69
CA ILE A 309 10.71 -3.98 -16.41
C ILE A 309 10.20 -4.85 -15.27
N MET A 310 9.17 -5.65 -15.53
CA MET A 310 8.68 -6.58 -14.51
C MET A 310 9.75 -7.60 -14.15
N GLN A 311 10.46 -8.12 -15.16
CA GLN A 311 11.51 -9.10 -14.90
C GLN A 311 12.66 -8.49 -14.11
N SER A 312 12.87 -7.18 -14.24
CA SER A 312 13.93 -6.51 -13.47
C SER A 312 13.64 -6.58 -11.97
N CYS A 313 12.41 -6.27 -11.57
CA CYS A 313 12.06 -6.31 -10.17
C CYS A 313 12.11 -7.73 -9.62
N TRP A 314 11.92 -8.72 -10.48
CA TRP A 314 11.93 -10.11 -10.04
C TRP A 314 13.32 -10.73 -10.11
N ALA A 315 14.36 -9.92 -10.21
CA ALA A 315 15.71 -10.43 -10.06
C ALA A 315 15.87 -11.00 -8.65
N PHE A 316 16.56 -12.14 -8.57
CA PHE A 316 16.77 -12.76 -7.26
C PHE A 316 17.70 -11.91 -6.41
N ASP A 317 18.87 -11.56 -6.94
CA ASP A 317 19.75 -10.62 -6.25
C ASP A 317 19.09 -9.25 -6.20
N SER A 318 18.89 -8.74 -4.98
CA SER A 318 18.23 -7.45 -4.82
C SER A 318 19.10 -6.30 -5.28
N ARG A 319 20.42 -6.51 -5.39
CA ARG A 319 21.27 -5.47 -5.96
C ARG A 319 21.00 -5.30 -7.44
N LYS A 320 20.58 -6.36 -8.13
CA LYS A 320 20.31 -6.33 -9.56
C LYS A 320 18.96 -5.69 -9.90
N ARG A 321 18.23 -5.17 -8.90
CA ARG A 321 16.88 -4.66 -9.06
C ARG A 321 16.87 -3.16 -9.31
N PRO A 322 15.88 -2.66 -10.05
CA PRO A 322 15.82 -1.22 -10.33
C PRO A 322 15.32 -0.43 -9.14
N SER A 323 15.79 0.81 -9.05
CA SER A 323 15.39 1.71 -7.97
C SER A 323 13.98 2.22 -8.22
N PHE A 324 13.45 2.96 -7.26
CA PHE A 324 12.16 3.60 -7.48
C PHE A 324 12.33 4.93 -8.19
N PRO A 325 13.41 5.68 -7.97
CA PRO A 325 13.72 6.80 -8.89
C PRO A 325 13.77 6.38 -10.35
N ASN A 326 14.56 5.36 -10.69
CA ASN A 326 14.71 4.97 -12.09
C ASN A 326 13.36 4.70 -12.76
N LEU A 327 12.36 4.30 -11.97
CA LEU A 327 11.01 4.09 -12.48
C LEU A 327 10.18 5.36 -12.47
N THR A 328 10.81 6.52 -12.33
CA THR A 328 10.13 7.76 -12.68
C THR A 328 10.13 7.85 -14.18
N SER A 329 11.31 7.95 -14.76
CA SER A 329 11.39 8.24 -16.18
C SER A 329 10.94 7.04 -17.02
N PHE A 330 11.27 5.80 -16.61
CA PHE A 330 11.07 4.64 -17.49
C PHE A 330 9.60 4.37 -17.80
N LEU A 331 8.67 4.96 -17.03
CA LEU A 331 7.23 4.80 -17.24
C LEU A 331 6.53 6.12 -17.54
N GLY A 332 6.88 7.19 -16.82
CA GLY A 332 6.34 8.50 -17.10
C GLY A 332 6.52 8.94 -18.53
N CYS A 333 7.46 8.32 -19.26
CA CYS A 333 7.67 8.53 -20.69
C CYS A 333 6.79 7.61 -21.54
N GLN A 334 6.72 6.33 -21.16
CA GLN A 334 5.87 5.38 -21.86
C GLN A 334 4.44 5.87 -21.99
N LEU A 335 4.02 6.75 -21.08
CA LEU A 335 2.69 7.32 -21.11
C LEU A 335 2.58 8.47 -22.12
N ALA A 336 3.60 9.31 -22.19
CA ALA A 336 3.54 10.49 -23.06
C ALA A 336 3.32 10.10 -24.52
N ASP A 337 3.75 8.90 -24.91
CA ASP A 337 3.54 8.45 -26.29
C ASP A 337 2.08 8.09 -26.55
N ALA A 338 1.34 7.71 -25.51
CA ALA A 338 -0.07 7.34 -25.66
C ALA A 338 -0.91 8.54 -26.09
C1 ZX3 B . -10.57 3.81 2.14
C10 ZX3 B . -14.88 3.04 -1.91
C11 ZX3 B . -15.49 1.83 -1.67
C12 ZX3 B . -15.24 1.16 -0.45
C13 ZX3 B . -14.39 1.74 0.50
C14 ZX3 B . -17.70 0.69 -2.43
C15 ZX3 B . -18.57 0.48 -3.69
C16 ZX3 B . -17.05 1.28 -5.20
C17 ZX3 B . -15.91 1.36 -4.15
C18 ZX3 B . -10.46 -1.32 1.94
C19 ZX3 B . -11.43 -1.07 0.80
C2 ZX3 B . -11.70 3.01 1.83
C20 ZX3 B . -11.72 -2.31 0.00
C21 ZX3 B . -11.28 -3.77 1.52
C22 ZX3 B . -10.73 -2.71 2.59
C23 ZX3 B . -12.78 -4.17 -0.01
C24 ZX3 B . -14.20 -4.52 0.48
C25 ZX3 B . -15.42 -2.47 0.14
C26 ZX3 B . -15.07 -1.02 0.55
C3 ZX3 B . -10.60 1.16 2.66
C4 ZX3 B . -9.48 1.96 2.97
C5 ZX3 B . -8.21 1.33 3.60
C6 ZX3 B . -7.74 2.17 4.80
C7 ZX3 B . -10.59 5.32 1.83
C8 ZX3 B . -13.78 2.97 0.25
C9 ZX3 B . -14.04 3.63 -0.96
N1 ZX3 B . -11.68 1.71 2.12
N2 ZX3 B . -9.49 3.26 2.69
N3 ZX3 B . -10.58 -0.29 2.98
N4 ZX3 B . -9.67 6.23 2.52
N5 ZX3 B . -12.90 3.64 1.23
N6 ZX3 B . -16.38 1.27 -2.76
N7 ZX3 B . -12.23 -3.24 0.75
O1 ZX3 B . -11.33 5.75 1.01
O2 ZX3 B . -18.31 1.49 -4.62
O3 ZX3 B . -14.84 -3.39 1.07
O4 ZX3 B . -15.85 -0.10 -0.18
#